data_5BTZ
#
_entry.id   5BTZ
#
_cell.length_a   36.137
_cell.length_b   44.066
_cell.length_c   77.529
_cell.angle_alpha   90.00
_cell.angle_beta   90.00
_cell.angle_gamma   90.00
#
_symmetry.space_group_name_H-M   'P 21 21 21'
#
loop_
_entity.id
_entity.type
_entity.pdbx_description
1 polymer lpg1496
2 water water
#
_entity_poly.entity_id   1
_entity_poly.type   'polypeptide(L)'
_entity_poly.pdbx_seq_one_letter_code
;KSGDSSISISAIGNVDSP(MSE)IRITFQNQTEREFFLNKITDKAKSLGVNISTHPFEIKEPN(MSE)VLIKPSKYPDNK
LGCYISKNKEIAINFGRTDFRDFVLSNLGVGSHLGTCPTKNETGNDTFYFHQENLSLNGPALSVNTK
;
_entity_poly.pdbx_strand_id   A
#
# COMPACT_ATOMS: atom_id res chain seq x y z
N SER A 5 14.66 -0.86 -11.19
CA SER A 5 13.50 -1.43 -10.44
C SER A 5 13.10 -0.57 -9.24
N SER A 6 13.71 0.60 -9.11
CA SER A 6 13.42 1.49 -7.99
C SER A 6 11.97 1.97 -8.04
N ILE A 7 11.39 2.14 -6.86
CA ILE A 7 10.00 2.51 -6.71
C ILE A 7 9.93 3.71 -5.76
N SER A 8 9.06 4.67 -6.09
CA SER A 8 8.78 5.80 -5.19
CA SER A 8 8.80 5.77 -5.17
C SER A 8 7.41 5.58 -4.57
N ILE A 9 7.29 5.86 -3.28
CA ILE A 9 6.01 5.74 -2.58
C ILE A 9 5.71 7.05 -1.84
N SER A 10 4.53 7.61 -2.08
CA SER A 10 4.08 8.85 -1.45
C SER A 10 2.67 8.65 -0.91
N ALA A 11 2.32 9.42 0.13
CA ALA A 11 0.94 9.50 0.59
C ALA A 11 0.41 10.85 0.12
N ILE A 12 -0.80 10.83 -0.46
CA ILE A 12 -1.35 11.98 -1.18
C ILE A 12 -2.83 12.18 -0.83
N GLY A 13 -3.34 13.38 -1.07
CA GLY A 13 -4.79 13.63 -0.94
C GLY A 13 -5.17 14.47 0.26
N ASN A 14 -6.24 14.08 0.93
CA ASN A 14 -6.69 14.79 2.11
C ASN A 14 -7.04 13.80 3.22
N VAL A 15 -7.32 14.33 4.41
CA VAL A 15 -7.52 13.49 5.59
C VAL A 15 -8.71 12.53 5.48
N ASP A 16 -9.71 12.92 4.68
CA ASP A 16 -10.88 12.07 4.45
C ASP A 16 -10.67 11.07 3.33
N SER A 17 -9.87 11.47 2.34
CA SER A 17 -9.58 10.60 1.20
C SER A 17 -8.07 10.57 0.92
N PRO A 18 -7.31 9.87 1.79
CA PRO A 18 -5.89 9.71 1.57
C PRO A 18 -5.61 8.52 0.64
N MSE A 19 -4.56 8.64 -0.15
CA MSE A 19 -4.15 7.55 -1.03
C MSE A 19 -2.66 7.35 -1.00
O MSE A 19 -1.91 8.23 -0.57
CB MSE A 19 -4.59 7.85 -2.46
CG MSE A 19 -6.05 8.16 -2.58
SE MSE A 19 -6.61 8.13 -4.41
CE MSE A 19 -8.26 9.16 -4.22
N ILE A 20 -2.23 6.16 -1.43
CA ILE A 20 -0.82 5.88 -1.67
C ILE A 20 -0.56 5.99 -3.17
N ARG A 21 0.48 6.72 -3.55
CA ARG A 21 0.93 6.74 -4.93
C ARG A 21 2.23 5.95 -5.04
N ILE A 22 2.20 4.90 -5.86
CA ILE A 22 3.37 4.09 -6.12
C ILE A 22 3.83 4.36 -7.55
N THR A 23 5.06 4.87 -7.71
CA THR A 23 5.57 5.14 -9.05
C THR A 23 6.71 4.19 -9.43
N PHE A 24 6.53 3.50 -10.55
CA PHE A 24 7.52 2.58 -11.08
C PHE A 24 8.41 3.28 -12.11
N GLN A 25 9.52 2.64 -12.47
CA GLN A 25 10.45 3.18 -13.45
C GLN A 25 9.91 3.13 -14.88
N ASN A 26 9.08 2.13 -15.14
CA ASN A 26 8.47 1.94 -16.46
C ASN A 26 7.20 1.10 -16.38
N GLN A 27 6.49 1.04 -17.49
CA GLN A 27 5.21 0.34 -17.58
C GLN A 27 5.34 -1.17 -17.36
N THR A 28 6.47 -1.74 -17.80
CA THR A 28 6.70 -3.17 -17.68
C THR A 28 6.89 -3.57 -16.21
N GLU A 29 7.61 -2.75 -15.46
CA GLU A 29 7.78 -2.97 -14.02
C GLU A 29 6.44 -2.91 -13.31
N ARG A 30 5.61 -1.94 -13.68
CA ARG A 30 4.30 -1.79 -13.06
C ARG A 30 3.42 -3.00 -13.36
N GLU A 31 3.39 -3.41 -14.62
CA GLU A 31 2.61 -4.59 -15.04
C GLU A 31 3.04 -5.85 -14.29
N PHE A 32 4.35 -6.03 -14.10
CA PHE A 32 4.94 -7.18 -13.42
C PHE A 32 4.46 -7.25 -11.96
N PHE A 33 4.45 -6.09 -11.31
CA PHE A 33 3.93 -5.99 -9.95
C PHE A 33 2.44 -6.29 -9.90
N LEU A 34 1.68 -5.70 -10.82
CA LEU A 34 0.22 -5.87 -10.81
C LEU A 34 -0.18 -7.32 -11.04
N ASN A 35 0.49 -7.99 -11.98
CA ASN A 35 0.24 -9.40 -12.24
C ASN A 35 0.49 -10.24 -10.99
N LYS A 36 1.60 -9.96 -10.29
CA LYS A 36 1.94 -10.65 -9.05
C LYS A 36 0.87 -10.50 -7.98
N ILE A 37 0.43 -9.27 -7.72
CA ILE A 37 -0.50 -9.03 -6.63
C ILE A 37 -1.92 -9.53 -6.94
N THR A 38 -2.30 -9.48 -8.21
CA THR A 38 -3.62 -9.99 -8.61
CA THR A 38 -3.60 -9.99 -8.66
C THR A 38 -3.67 -11.51 -8.48
N ASP A 39 -2.59 -12.18 -8.87
CA ASP A 39 -2.50 -13.63 -8.70
C ASP A 39 -2.49 -14.00 -7.21
N LYS A 40 -1.74 -13.25 -6.40
CA LYS A 40 -1.67 -13.54 -4.97
C LYS A 40 -3.02 -13.31 -4.29
N ALA A 41 -3.68 -12.21 -4.64
CA ALA A 41 -4.95 -11.87 -4.01
C ALA A 41 -6.00 -12.94 -4.29
N LYS A 42 -6.04 -13.40 -5.55
CA LYS A 42 -6.95 -14.47 -5.93
C LYS A 42 -6.70 -15.75 -5.14
N SER A 43 -5.42 -16.08 -4.92
CA SER A 43 -5.05 -17.29 -4.18
C SER A 43 -5.46 -17.22 -2.71
N LEU A 44 -5.61 -16.00 -2.19
CA LEU A 44 -5.92 -15.79 -0.77
C LEU A 44 -7.39 -15.43 -0.53
N GLY A 45 -8.17 -15.40 -1.60
CA GLY A 45 -9.59 -15.04 -1.53
C GLY A 45 -9.83 -13.57 -1.24
N VAL A 46 -8.83 -12.74 -1.50
CA VAL A 46 -8.96 -11.30 -1.32
C VAL A 46 -9.42 -10.69 -2.64
N ASN A 47 -10.58 -10.06 -2.61
CA ASN A 47 -11.18 -9.48 -3.82
C ASN A 47 -10.66 -8.07 -4.09
N ILE A 48 -9.78 -7.95 -5.08
CA ILE A 48 -9.22 -6.66 -5.48
C ILE A 48 -9.60 -6.28 -6.92
N SER A 49 -10.72 -6.82 -7.39
CA SER A 49 -11.14 -6.63 -8.77
C SER A 49 -11.27 -5.16 -9.18
N THR A 50 -11.78 -4.31 -8.28
CA THR A 50 -11.92 -2.88 -8.60
C THR A 50 -11.38 -1.95 -7.51
N HIS A 51 -10.93 -2.52 -6.40
CA HIS A 51 -10.49 -1.74 -5.24
C HIS A 51 -9.51 -2.58 -4.43
N PRO A 52 -8.47 -1.94 -3.84
CA PRO A 52 -8.12 -0.53 -3.80
C PRO A 52 -7.07 -0.06 -4.83
N PHE A 53 -6.56 -0.97 -5.64
CA PHE A 53 -5.50 -0.60 -6.59
C PHE A 53 -6.09 -0.06 -7.88
N GLU A 54 -5.50 1.03 -8.36
CA GLU A 54 -5.93 1.70 -9.59
C GLU A 54 -4.70 2.20 -10.33
N ILE A 55 -4.60 1.87 -11.62
CA ILE A 55 -3.48 2.39 -12.42
C ILE A 55 -3.71 3.85 -12.82
N LYS A 56 -2.62 4.59 -12.91
CA LYS A 56 -2.63 5.96 -13.43
C LYS A 56 -1.36 6.20 -14.23
N GLU A 57 -1.48 6.97 -15.31
CA GLU A 57 -0.33 7.27 -16.16
C GLU A 57 0.38 8.55 -15.72
N PRO A 58 1.73 8.57 -15.82
CA PRO A 58 2.60 7.47 -16.22
C PRO A 58 3.15 6.63 -15.06
N ASN A 59 3.22 5.33 -15.28
CA ASN A 59 3.96 4.40 -14.40
C ASN A 59 3.47 4.27 -12.96
N MSE A 60 2.22 4.66 -12.70
CA MSE A 60 1.70 4.69 -11.32
C MSE A 60 0.66 3.62 -10.97
O MSE A 60 -0.11 3.17 -11.83
CB MSE A 60 1.10 6.08 -11.00
CG MSE A 60 2.14 7.17 -10.76
SE MSE A 60 1.31 8.94 -10.61
CE MSE A 60 0.58 9.12 -12.39
N VAL A 61 0.67 3.22 -9.70
CA VAL A 61 -0.43 2.47 -9.10
C VAL A 61 -0.85 3.27 -7.86
N LEU A 62 -2.14 3.57 -7.77
CA LEU A 62 -2.68 4.23 -6.59
C LEU A 62 -3.33 3.21 -5.69
N ILE A 63 -3.14 3.38 -4.39
CA ILE A 63 -3.96 2.64 -3.43
C ILE A 63 -5.01 3.62 -2.93
N LYS A 64 -6.26 3.34 -3.29
CA LYS A 64 -7.38 4.23 -3.01
C LYS A 64 -7.79 4.19 -1.54
N PRO A 65 -8.61 5.17 -1.10
CA PRO A 65 -9.01 5.22 0.30
C PRO A 65 -9.87 4.05 0.76
N SER A 66 -9.63 3.61 1.99
CA SER A 66 -10.50 2.67 2.68
C SER A 66 -11.79 3.40 3.04
N LYS A 67 -12.91 2.69 2.98
CA LYS A 67 -14.21 3.25 3.32
C LYS A 67 -15.03 2.24 4.13
N TYR A 68 -15.62 2.72 5.23
CA TYR A 68 -16.26 1.88 6.26
C TYR A 68 -15.47 0.61 6.58
N ASN A 71 -15.83 -0.80 1.06
CA ASN A 71 -14.45 -0.76 0.60
C ASN A 71 -13.45 -0.75 1.76
N LYS A 72 -13.43 -1.84 2.54
CA LYS A 72 -12.57 -1.95 3.72
C LYS A 72 -11.08 -1.85 3.39
N LEU A 73 -10.69 -2.39 2.25
CA LEU A 73 -9.29 -2.36 1.84
C LEU A 73 -8.87 -0.95 1.47
N GLY A 74 -7.59 -0.63 1.67
CA GLY A 74 -7.05 0.63 1.18
C GLY A 74 -6.50 1.56 2.23
N CYS A 75 -6.29 2.79 1.83
CA CYS A 75 -5.55 3.77 2.62
C CYS A 75 -6.45 4.56 3.57
N TYR A 76 -6.00 4.74 4.79
CA TYR A 76 -6.67 5.63 5.72
C TYR A 76 -5.68 6.28 6.68
N ILE A 77 -6.10 7.35 7.32
CA ILE A 77 -5.33 7.98 8.39
CA ILE A 77 -5.31 7.96 8.38
C ILE A 77 -5.74 7.34 9.71
N SER A 78 -4.76 6.75 10.41
CA SER A 78 -5.02 6.08 11.67
C SER A 78 -5.37 7.06 12.79
N LYS A 79 -5.83 6.51 13.92
CA LYS A 79 -6.11 7.32 15.10
C LYS A 79 -4.87 8.08 15.58
N ASN A 80 -3.70 7.53 15.28
CA ASN A 80 -2.43 8.12 15.66
C ASN A 80 -1.80 8.98 14.56
N LYS A 81 -2.63 9.39 13.60
CA LYS A 81 -2.22 10.26 12.49
C LYS A 81 -1.11 9.62 11.65
N GLU A 82 -1.20 8.30 11.47
CA GLU A 82 -0.27 7.53 10.63
CA GLU A 82 -0.26 7.58 10.62
C GLU A 82 -0.93 7.17 9.31
N ILE A 83 -0.12 7.06 8.26
CA ILE A 83 -0.62 6.57 6.97
C ILE A 83 -0.76 5.05 7.09
N ALA A 84 -2.01 4.57 6.99
CA ALA A 84 -2.27 3.14 7.15
C ALA A 84 -2.85 2.53 5.89
N ILE A 85 -2.57 1.26 5.65
CA ILE A 85 -3.14 0.54 4.53
C ILE A 85 -3.67 -0.80 4.99
N ASN A 86 -4.97 -1.02 4.78
CA ASN A 86 -5.61 -2.28 5.10
C ASN A 86 -5.55 -3.19 3.87
N PHE A 87 -4.99 -4.37 4.05
CA PHE A 87 -4.81 -5.33 2.97
C PHE A 87 -5.70 -6.57 3.09
N GLY A 88 -6.63 -6.57 4.05
CA GLY A 88 -7.59 -7.65 4.19
C GLY A 88 -7.08 -8.90 4.88
N ARG A 89 -5.93 -9.40 4.44
CA ARG A 89 -5.32 -10.59 5.02
C ARG A 89 -3.83 -10.38 5.24
N THR A 90 -3.33 -10.88 6.37
CA THR A 90 -1.91 -10.79 6.73
C THR A 90 -0.97 -11.18 5.59
N ASP A 91 -1.21 -12.35 4.98
CA ASP A 91 -0.35 -12.84 3.91
C ASP A 91 -0.36 -11.93 2.68
N PHE A 92 -1.49 -11.28 2.43
CA PHE A 92 -1.54 -10.34 1.32
C PHE A 92 -0.74 -9.07 1.62
N ARG A 93 -0.95 -8.50 2.82
CA ARG A 93 -0.13 -7.38 3.26
C ARG A 93 1.35 -7.70 3.11
N ASP A 94 1.77 -8.83 3.67
CA ASP A 94 3.18 -9.19 3.69
C ASP A 94 3.75 -9.31 2.27
N PHE A 95 2.95 -9.90 1.39
CA PHE A 95 3.34 -10.10 0.00
C PHE A 95 3.51 -8.78 -0.73
N VAL A 96 2.54 -7.88 -0.56
CA VAL A 96 2.59 -6.59 -1.24
C VAL A 96 3.78 -5.76 -0.76
N LEU A 97 3.97 -5.70 0.56
CA LEU A 97 5.11 -4.94 1.12
C LEU A 97 6.45 -5.51 0.64
N SER A 98 6.59 -6.83 0.68
CA SER A 98 7.83 -7.47 0.24
C SER A 98 8.13 -7.16 -1.22
N ASN A 99 7.11 -7.23 -2.06
CA ASN A 99 7.29 -7.02 -3.50
C ASN A 99 7.46 -5.55 -3.87
N LEU A 100 7.14 -4.65 -2.94
CA LEU A 100 7.41 -3.23 -3.10
C LEU A 100 8.76 -2.84 -2.52
N GLY A 101 9.36 -3.72 -1.73
CA GLY A 101 10.61 -3.42 -1.03
C GLY A 101 10.40 -2.53 0.19
N VAL A 102 9.20 -2.59 0.76
CA VAL A 102 8.88 -1.85 1.97
C VAL A 102 9.11 -2.75 3.17
N GLY A 103 10.22 -2.50 3.87
CA GLY A 103 10.56 -3.27 5.06
C GLY A 103 9.59 -3.02 6.21
N SER A 104 9.27 -4.07 6.94
CA SER A 104 8.35 -3.99 8.08
C SER A 104 8.81 -2.99 9.13
N HIS A 105 10.13 -2.74 9.17
CA HIS A 105 10.73 -1.78 10.10
C HIS A 105 10.31 -0.32 9.85
N LEU A 106 9.69 -0.06 8.69
CA LEU A 106 9.24 1.30 8.35
C LEU A 106 7.91 1.69 9.00
N GLY A 107 7.29 0.72 9.69
CA GLY A 107 5.99 0.97 10.30
C GLY A 107 5.63 -0.04 11.36
N THR A 108 4.39 0.04 11.83
CA THR A 108 3.82 -0.97 12.71
C THR A 108 3.17 -2.02 11.82
N CYS A 109 3.52 -3.27 12.08
CA CYS A 109 3.16 -4.38 11.21
C CYS A 109 2.77 -5.58 12.08
N PRO A 110 1.57 -5.54 12.69
CA PRO A 110 1.14 -6.59 13.63
C PRO A 110 1.11 -7.98 13.00
N THR A 111 1.50 -9.00 13.77
CA THR A 111 1.71 -10.35 13.23
C THR A 111 0.73 -11.39 13.74
N LYS A 112 0.54 -12.45 12.94
CA LYS A 112 -0.31 -13.59 13.29
C LYS A 112 -1.70 -13.15 13.74
N ASN A 113 -1.95 -13.26 15.05
CA ASN A 113 -3.27 -13.03 15.61
C ASN A 113 -3.42 -11.67 16.31
N GLU A 114 -2.37 -10.85 16.26
CA GLU A 114 -2.40 -9.52 16.88
C GLU A 114 -3.40 -8.62 16.18
N THR A 115 -3.92 -7.63 16.90
CA THR A 115 -4.89 -6.69 16.33
C THR A 115 -4.24 -5.88 15.21
N GLY A 116 -4.96 -5.72 14.11
CA GLY A 116 -4.44 -5.01 12.94
C GLY A 116 -3.47 -5.84 12.11
N ASN A 117 -3.59 -7.16 12.19
CA ASN A 117 -2.68 -8.05 11.48
C ASN A 117 -2.84 -8.02 9.95
N ASP A 118 -3.85 -7.30 9.47
CA ASP A 118 -4.11 -7.15 8.04
C ASP A 118 -3.64 -5.80 7.51
N THR A 119 -3.05 -5.00 8.39
CA THR A 119 -2.81 -3.59 8.12
C THR A 119 -1.34 -3.22 8.33
N PHE A 120 -0.86 -2.25 7.55
CA PHE A 120 0.45 -1.65 7.75
C PHE A 120 0.28 -0.17 8.10
N TYR A 121 1.00 0.27 9.14
CA TYR A 121 0.93 1.65 9.58
C TYR A 121 2.31 2.26 9.44
N PHE A 122 2.49 3.17 8.49
CA PHE A 122 3.80 3.84 8.33
C PHE A 122 4.07 4.67 9.57
N HIS A 123 5.28 4.57 10.12
CA HIS A 123 5.69 5.48 11.18
C HIS A 123 5.58 6.90 10.66
N GLN A 124 5.09 7.81 11.50
CA GLN A 124 4.87 9.20 11.11
C GLN A 124 6.13 9.84 10.52
N GLU A 125 7.28 9.53 11.11
CA GLU A 125 8.56 10.10 10.68
C GLU A 125 9.06 9.57 9.33
N ASN A 126 8.39 8.54 8.80
CA ASN A 126 8.77 7.92 7.52
C ASN A 126 7.90 8.33 6.35
N LEU A 127 6.62 8.55 6.59
CA LEU A 127 5.71 8.94 5.52
C LEU A 127 4.59 9.77 6.09
N SER A 128 4.35 10.91 5.47
CA SER A 128 3.28 11.80 5.92
C SER A 128 2.44 12.24 4.74
N LEU A 129 1.21 12.64 5.04
CA LEU A 129 0.27 13.06 4.01
C LEU A 129 0.79 14.29 3.26
N ASN A 130 0.95 14.10 1.94
CA ASN A 130 1.48 15.12 1.03
C ASN A 130 2.93 15.50 1.32
N GLY A 131 3.62 14.62 2.05
CA GLY A 131 5.03 14.79 2.36
C GLY A 131 5.92 14.23 1.28
N PRO A 132 7.25 14.28 1.49
CA PRO A 132 8.16 13.71 0.49
C PRO A 132 7.96 12.22 0.27
N ALA A 133 8.33 11.75 -0.92
CA ALA A 133 8.28 10.33 -1.26
C ALA A 133 9.40 9.55 -0.59
N LEU A 134 9.18 8.24 -0.41
CA LEU A 134 10.22 7.30 -0.03
C LEU A 134 10.70 6.57 -1.28
N SER A 135 12.02 6.38 -1.40
CA SER A 135 12.58 5.54 -2.45
C SER A 135 12.84 4.15 -1.90
N VAL A 136 12.27 3.13 -2.53
CA VAL A 136 12.51 1.74 -2.13
C VAL A 136 12.84 0.88 -3.35
N ASN A 137 13.28 -0.36 -3.12
CA ASN A 137 13.72 -1.27 -4.19
C ASN A 137 14.84 -0.71 -5.08
N THR A 138 15.79 0.00 -4.46
CA THR A 138 16.83 0.71 -5.19
C THR A 138 18.07 -0.15 -5.44
#